data_8C7O
#
_entry.id   8C7O
#
_cell.length_a   35.803
_cell.length_b   163.852
_cell.length_c   46.868
_cell.angle_alpha   90.00
_cell.angle_beta   93.80
_cell.angle_gamma   90.00
#
_symmetry.space_group_name_H-M   'P 1 21 1'
#
loop_
_entity.id
_entity.type
_entity.pdbx_description
1 polymer 'Global transcriptional regulator CodY'
2 non-polymer 'SULFATE ION'
3 non-polymer 'ACETATE ION'
4 water water
#
_entity_poly.entity_id   1
_entity_poly.type   'polypeptide(L)'
_entity_poly.pdbx_seq_one_letter_code
;GAMSLLSKTRELNTLLQKHKGIAVDFKDVAQTISSVTVTNVFIVSRRGKILGSSLNELLKSQRIIQMLEERHIPSEYTER
LMEVKQTESNIDIDNVLTVFPPENRELFIDSRTTIFPILGGGERLGTLVLGRVHDDFNENDLVLGEYAATVIGMEILREK
HSEVEKEARDKAAITMAINSLSYSEKEAIEHIFEELGGTEGLLIASKVADRVGITRSVIVNALRKLESAGVIESRSLGMK
GTFIKVKKEKFLDELEKSK
;
_entity_poly.pdbx_strand_id   A,B
#
loop_
_chem_comp.id
_chem_comp.type
_chem_comp.name
_chem_comp.formula
ACT non-polymer 'ACETATE ION' 'C2 H3 O2 -1'
SO4 non-polymer 'SULFATE ION' 'O4 S -2'
#
# COMPACT_ATOMS: atom_id res chain seq x y z
N MET A 3 -28.55 9.02 19.87
CA MET A 3 -28.72 8.64 18.43
C MET A 3 -29.75 7.53 18.31
N SER A 4 -30.75 7.73 17.45
CA SER A 4 -31.87 6.82 17.34
C SER A 4 -31.55 5.67 16.39
N LEU A 5 -32.43 4.66 16.40
CA LEU A 5 -32.23 3.50 15.54
C LEU A 5 -32.15 3.91 14.07
N LEU A 6 -32.99 4.85 13.65
CA LEU A 6 -33.01 5.23 12.24
C LEU A 6 -31.75 5.99 11.86
N SER A 7 -31.24 6.82 12.78
CA SER A 7 -29.99 7.53 12.55
C SER A 7 -28.82 6.56 12.43
N LYS A 8 -28.73 5.59 13.34
CA LYS A 8 -27.69 4.57 13.23
C LYS A 8 -27.77 3.84 11.90
N THR A 9 -28.98 3.49 11.47
CA THR A 9 -29.14 2.80 10.19
C THR A 9 -28.60 3.63 9.04
N ARG A 10 -28.88 4.93 9.03
CA ARG A 10 -28.37 5.80 7.97
C ARG A 10 -26.84 5.80 7.93
N GLU A 11 -26.21 5.89 9.11
CA GLU A 11 -24.76 5.88 9.16
C GLU A 11 -24.20 4.62 8.54
N LEU A 12 -24.77 3.46 8.90
CA LEU A 12 -24.24 2.18 8.41
C LEU A 12 -24.51 2.01 6.92
N ASN A 13 -25.68 2.43 6.44
CA ASN A 13 -25.94 2.36 5.01
C ASN A 13 -24.98 3.22 4.22
N THR A 14 -24.71 4.44 4.72
CA THR A 14 -23.88 5.37 3.97
C THR A 14 -22.40 4.98 4.02
N LEU A 15 -21.93 4.49 5.16
CA LEU A 15 -20.51 4.26 5.37
C LEU A 15 -20.06 2.86 4.98
N LEU A 16 -20.94 1.87 5.07
CA LEU A 16 -20.56 0.50 4.72
C LEU A 16 -20.86 0.14 3.28
N GLN A 17 -21.53 1.00 2.53
CA GLN A 17 -21.89 0.70 1.14
C GLN A 17 -20.62 0.50 0.31
N LYS A 18 -20.61 -0.56 -0.50
CA LYS A 18 -19.46 -0.82 -1.36
C LYS A 18 -19.52 0.15 -2.53
N HIS A 19 -18.44 0.92 -2.72
CA HIS A 19 -18.31 1.86 -3.82
C HIS A 19 -17.26 1.34 -4.79
N LYS A 20 -17.54 1.51 -6.08
CA LYS A 20 -16.57 1.12 -7.09
C LYS A 20 -15.26 1.88 -6.90
N GLY A 21 -14.12 1.22 -7.13
CA GLY A 21 -12.84 1.84 -6.93
C GLY A 21 -12.22 1.70 -5.56
N ILE A 22 -12.91 1.08 -4.61
CA ILE A 22 -12.44 0.96 -3.24
C ILE A 22 -12.33 -0.51 -2.85
N ALA A 23 -11.17 -0.87 -2.31
CA ALA A 23 -10.96 -2.19 -1.72
C ALA A 23 -11.46 -2.18 -0.29
N VAL A 24 -12.05 -3.28 0.16
CA VAL A 24 -12.61 -3.34 1.50
C VAL A 24 -11.48 -3.41 2.52
N ASP A 25 -11.51 -2.50 3.50
CA ASP A 25 -10.54 -2.46 4.58
C ASP A 25 -11.27 -2.85 5.86
N PHE A 26 -10.99 -4.06 6.35
CA PHE A 26 -11.75 -4.57 7.49
C PHE A 26 -11.42 -3.82 8.77
N LYS A 27 -10.23 -3.22 8.86
CA LYS A 27 -9.92 -2.37 10.00
C LYS A 27 -10.90 -1.19 10.06
N ASP A 28 -11.13 -0.54 8.92
CA ASP A 28 -12.02 0.62 8.89
C ASP A 28 -13.48 0.21 9.07
N VAL A 29 -13.85 -0.98 8.60
CA VAL A 29 -15.21 -1.46 8.82
C VAL A 29 -15.47 -1.62 10.31
N ALA A 30 -14.51 -2.20 11.04
CA ALA A 30 -14.66 -2.41 12.47
C ALA A 30 -14.81 -1.09 13.21
N GLN A 31 -14.04 -0.08 12.80
CA GLN A 31 -14.15 1.22 13.46
C GLN A 31 -15.53 1.84 13.26
N THR A 32 -16.07 1.73 12.04
CA THR A 32 -17.40 2.26 11.78
C THR A 32 -18.44 1.56 12.65
N ILE A 33 -18.39 0.23 12.69
CA ILE A 33 -19.34 -0.50 13.52
C ILE A 33 -19.17 -0.13 14.99
N SER A 34 -17.92 -0.13 15.45
CA SER A 34 -17.66 0.20 16.85
C SER A 34 -18.21 1.57 17.22
N SER A 35 -18.03 2.56 16.34
CA SER A 35 -18.46 3.91 16.67
C SER A 35 -19.97 4.07 16.56
N VAL A 36 -20.59 3.41 15.57
CA VAL A 36 -22.03 3.56 15.39
C VAL A 36 -22.79 2.86 16.50
N THR A 37 -22.39 1.63 16.84
CA THR A 37 -23.11 0.83 17.81
C THR A 37 -22.56 0.94 19.22
N VAL A 38 -21.44 1.65 19.41
CA VAL A 38 -20.83 1.83 20.72
C VAL A 38 -20.47 0.46 21.29
N THR A 39 -19.52 -0.22 20.64
CA THR A 39 -19.11 -1.54 21.10
C THR A 39 -17.66 -1.77 20.73
N ASN A 40 -17.09 -2.82 21.31
CA ASN A 40 -15.83 -3.39 20.83
C ASN A 40 -16.17 -4.40 19.75
N VAL A 41 -15.47 -4.33 18.61
CA VAL A 41 -15.82 -5.11 17.43
C VAL A 41 -14.64 -5.99 17.06
N PHE A 42 -14.93 -7.25 16.71
CA PHE A 42 -13.92 -8.18 16.23
C PHE A 42 -14.50 -8.93 15.04
N ILE A 43 -13.86 -8.79 13.88
CA ILE A 43 -14.27 -9.47 12.65
C ILE A 43 -13.31 -10.64 12.42
N VAL A 44 -13.83 -11.86 12.49
CA VAL A 44 -13.03 -13.08 12.49
C VAL A 44 -13.36 -13.91 11.27
N SER A 45 -12.33 -14.35 10.55
CA SER A 45 -12.53 -15.25 9.42
C SER A 45 -12.99 -16.62 9.93
N ARG A 46 -13.45 -17.45 8.99
CA ARG A 46 -13.87 -18.80 9.37
C ARG A 46 -12.74 -19.55 10.06
N ARG A 47 -11.50 -19.29 9.67
CA ARG A 47 -10.35 -19.99 10.22
C ARG A 47 -9.78 -19.33 11.47
N GLY A 48 -10.35 -18.21 11.91
CA GLY A 48 -9.94 -17.60 13.15
C GLY A 48 -8.99 -16.42 13.05
N LYS A 49 -8.75 -15.90 11.87
CA LYS A 49 -7.88 -14.75 11.71
C LYS A 49 -8.65 -13.48 12.01
N ILE A 50 -8.01 -12.56 12.72
CA ILE A 50 -8.63 -11.28 13.05
C ILE A 50 -8.48 -10.38 11.84
N LEU A 51 -9.52 -10.32 11.00
CA LEU A 51 -9.46 -9.46 9.83
C LEU A 51 -9.54 -7.98 10.19
N GLY A 52 -10.18 -7.66 11.32
CA GLY A 52 -10.31 -6.28 11.74
C GLY A 52 -10.87 -6.15 13.14
N SER A 53 -10.46 -5.11 13.86
CA SER A 53 -10.93 -4.90 15.22
C SER A 53 -10.86 -3.43 15.55
N SER A 54 -11.70 -3.02 16.51
CA SER A 54 -11.73 -1.66 17.01
C SER A 54 -12.40 -1.69 18.37
N LEU A 55 -11.78 -1.02 19.34
CA LEU A 55 -12.33 -0.92 20.68
C LEU A 55 -13.14 0.34 20.82
N ASN A 56 -14.10 0.32 21.74
CA ASN A 56 -14.83 1.53 22.12
C ASN A 56 -13.96 2.27 23.12
N GLU A 57 -13.14 3.19 22.61
CA GLU A 57 -12.20 3.95 23.44
C GLU A 57 -12.87 5.06 24.23
N LEU A 58 -14.20 5.20 24.14
CA LEU A 58 -14.94 6.20 24.90
C LEU A 58 -15.38 5.72 26.27
N LEU A 59 -14.61 4.82 26.88
CA LEU A 59 -14.90 4.36 28.23
C LEU A 59 -14.26 5.28 29.25
N LYS A 60 -14.90 5.39 30.41
CA LYS A 60 -14.39 6.28 31.45
C LYS A 60 -13.14 5.71 32.10
N SER A 61 -13.09 4.39 32.25
CA SER A 61 -12.03 3.75 33.04
C SER A 61 -10.80 3.52 32.17
N GLN A 62 -9.74 4.26 32.46
CA GLN A 62 -8.48 4.05 31.74
C GLN A 62 -7.93 2.67 32.01
N ARG A 63 -8.24 2.09 33.18
CA ARG A 63 -7.77 0.76 33.49
C ARG A 63 -8.38 -0.27 32.54
N ILE A 64 -9.68 -0.14 32.27
CA ILE A 64 -10.34 -1.04 31.33
C ILE A 64 -9.80 -0.85 29.92
N ILE A 65 -9.69 0.42 29.48
CA ILE A 65 -9.16 0.70 28.15
C ILE A 65 -7.80 0.03 27.98
N GLN A 66 -6.89 0.27 28.92
CA GLN A 66 -5.52 -0.23 28.79
C GLN A 66 -5.49 -1.75 28.75
N MET A 67 -6.30 -2.41 29.58
CA MET A 67 -6.35 -3.87 29.54
C MET A 67 -6.87 -4.39 28.20
N LEU A 68 -7.87 -3.72 27.61
CA LEU A 68 -8.37 -4.15 26.31
C LEU A 68 -7.34 -3.89 25.22
N GLU A 69 -6.64 -2.76 25.31
CA GLU A 69 -5.58 -2.46 24.34
C GLU A 69 -4.45 -3.49 24.42
N GLU A 70 -4.15 -3.98 25.62
CA GLU A 70 -3.00 -4.86 25.82
C GLU A 70 -3.30 -6.31 25.46
N ARG A 71 -4.57 -6.70 25.47
CA ARG A 71 -4.91 -8.10 25.26
C ARG A 71 -4.96 -8.43 23.77
N HIS A 72 -4.38 -9.56 23.41
CA HIS A 72 -4.53 -10.14 22.08
C HIS A 72 -5.50 -11.31 22.17
N ILE A 73 -6.56 -11.25 21.39
CA ILE A 73 -7.58 -12.30 21.41
C ILE A 73 -6.87 -13.62 21.11
N PRO A 74 -6.96 -14.63 21.98
CA PRO A 74 -6.24 -15.88 21.73
C PRO A 74 -6.84 -16.66 20.57
N SER A 75 -5.96 -17.38 19.85
CA SER A 75 -6.42 -18.23 18.77
C SER A 75 -7.33 -19.35 19.28
N GLU A 76 -7.11 -19.80 20.51
CA GLU A 76 -8.00 -20.80 21.08
C GLU A 76 -9.43 -20.31 21.09
N TYR A 77 -9.64 -19.01 21.34
CA TYR A 77 -11.00 -18.47 21.36
C TYR A 77 -11.55 -18.33 19.95
N THR A 78 -10.80 -17.67 19.07
CA THR A 78 -11.31 -17.42 17.72
C THR A 78 -11.66 -18.70 17.00
N GLU A 79 -10.91 -19.78 17.25
CA GLU A 79 -11.21 -21.05 16.62
C GLU A 79 -12.47 -21.69 17.19
N ARG A 80 -12.80 -21.37 18.45
N ARG A 80 -12.81 -21.38 18.44
CA ARG A 80 -14.06 -21.86 19.01
CA ARG A 80 -14.07 -21.86 18.99
C ARG A 80 -15.26 -21.21 18.34
C ARG A 80 -15.25 -21.25 18.23
N LEU A 81 -15.11 -19.98 17.82
CA LEU A 81 -16.25 -19.26 17.27
C LEU A 81 -16.90 -19.99 16.10
N MET A 82 -16.11 -20.71 15.30
CA MET A 82 -16.67 -21.49 14.21
C MET A 82 -17.78 -22.43 14.70
N GLU A 83 -17.65 -22.93 15.92
CA GLU A 83 -18.63 -23.85 16.48
C GLU A 83 -19.92 -23.17 16.91
N VAL A 84 -19.94 -21.85 17.00
CA VAL A 84 -21.17 -21.10 17.28
C VAL A 84 -21.92 -20.96 15.97
N LYS A 85 -23.05 -21.67 15.84
CA LYS A 85 -23.74 -21.75 14.57
C LYS A 85 -24.86 -20.73 14.42
N GLN A 86 -25.39 -20.20 15.52
CA GLN A 86 -26.43 -19.18 15.45
C GLN A 86 -26.09 -18.03 16.39
N THR A 87 -26.79 -16.91 16.21
CA THR A 87 -26.50 -15.71 16.99
C THR A 87 -26.69 -15.98 18.48
N GLU A 88 -25.65 -15.68 19.26
CA GLU A 88 -25.68 -15.79 20.71
C GLU A 88 -25.44 -14.40 21.28
N SER A 89 -26.43 -13.87 21.99
CA SER A 89 -26.43 -12.48 22.43
C SER A 89 -26.36 -12.40 23.95
N ASN A 90 -25.72 -11.34 24.44
CA ASN A 90 -25.69 -11.03 25.86
C ASN A 90 -25.02 -12.13 26.66
N ILE A 91 -23.91 -12.63 26.14
CA ILE A 91 -23.10 -13.62 26.84
C ILE A 91 -22.35 -12.97 27.99
N ASP A 92 -22.40 -13.59 29.16
CA ASP A 92 -21.81 -13.02 30.37
C ASP A 92 -20.36 -13.46 30.54
N ILE A 93 -19.69 -12.88 31.53
CA ILE A 93 -18.23 -13.00 31.64
C ILE A 93 -17.80 -14.41 32.04
N ASP A 94 -18.66 -15.16 32.73
CA ASP A 94 -18.32 -16.52 33.11
C ASP A 94 -18.44 -17.50 31.95
N ASN A 95 -19.00 -17.08 30.82
CA ASN A 95 -19.21 -17.95 29.67
C ASN A 95 -17.90 -18.08 28.91
N VAL A 96 -17.63 -19.29 28.41
CA VAL A 96 -16.41 -19.52 27.67
C VAL A 96 -16.41 -18.76 26.35
N LEU A 97 -17.58 -18.32 25.90
CA LEU A 97 -17.69 -17.52 24.67
C LEU A 97 -17.48 -16.03 24.90
N THR A 98 -17.25 -15.59 26.14
CA THR A 98 -16.99 -14.19 26.38
C THR A 98 -15.72 -13.74 25.66
N VAL A 99 -15.76 -12.56 25.04
CA VAL A 99 -14.59 -12.06 24.33
C VAL A 99 -13.71 -11.17 25.22
N PHE A 100 -14.08 -11.00 26.49
CA PHE A 100 -13.36 -10.12 27.40
C PHE A 100 -12.32 -10.90 28.19
N PRO A 101 -11.32 -10.21 28.74
CA PRO A 101 -10.23 -10.92 29.46
C PRO A 101 -10.77 -11.71 30.63
N PRO A 102 -10.23 -12.91 30.88
CA PRO A 102 -10.79 -13.76 31.95
C PRO A 102 -10.29 -13.44 33.34
N GLU A 103 -9.20 -12.69 33.47
CA GLU A 103 -8.56 -12.54 34.78
C GLU A 103 -9.35 -11.59 35.68
N ASN A 104 -9.54 -10.35 35.24
CA ASN A 104 -10.15 -9.32 36.09
C ASN A 104 -11.66 -9.41 35.92
N ARG A 105 -12.24 -10.41 36.58
CA ARG A 105 -13.68 -10.63 36.51
C ARG A 105 -14.47 -9.45 37.05
N GLU A 106 -13.89 -8.70 38.00
CA GLU A 106 -14.65 -7.62 38.64
C GLU A 106 -14.79 -6.39 37.75
N LEU A 107 -13.79 -6.11 36.91
CA LEU A 107 -13.95 -4.99 35.99
C LEU A 107 -14.91 -5.31 34.86
N PHE A 108 -15.02 -6.59 34.48
CA PHE A 108 -15.88 -7.02 33.39
C PHE A 108 -17.06 -7.84 33.87
N ILE A 109 -17.44 -7.69 35.14
CA ILE A 109 -18.50 -8.52 35.71
C ILE A 109 -19.83 -8.27 35.02
N ASP A 110 -20.03 -7.06 34.48
CA ASP A 110 -21.27 -6.70 33.80
C ASP A 110 -21.12 -6.70 32.28
N SER A 111 -20.07 -7.30 31.75
CA SER A 111 -19.85 -7.29 30.31
C SER A 111 -20.83 -8.21 29.62
N ARG A 112 -21.17 -7.88 28.37
CA ARG A 112 -21.98 -8.70 27.50
C ARG A 112 -21.21 -8.90 26.20
N THR A 113 -21.16 -10.15 25.73
CA THR A 113 -20.66 -10.47 24.41
C THR A 113 -21.82 -10.99 23.54
N THR A 114 -21.82 -10.60 22.27
CA THR A 114 -22.77 -11.08 21.29
C THR A 114 -22.00 -11.54 20.06
N ILE A 115 -22.41 -12.70 19.53
CA ILE A 115 -21.69 -13.37 18.45
C ILE A 115 -22.66 -13.57 17.28
N PHE A 116 -22.26 -13.13 16.11
CA PHE A 116 -23.08 -13.26 14.90
C PHE A 116 -22.34 -14.13 13.89
N PRO A 117 -22.85 -15.31 13.54
CA PRO A 117 -22.26 -16.03 12.40
C PRO A 117 -22.41 -15.23 11.12
N ILE A 118 -21.37 -15.24 10.31
CA ILE A 118 -21.35 -14.53 9.03
C ILE A 118 -21.52 -15.59 7.94
N LEU A 119 -22.69 -15.62 7.33
CA LEU A 119 -23.05 -16.65 6.36
C LEU A 119 -23.09 -16.06 4.96
N GLY A 120 -22.71 -16.88 3.98
CA GLY A 120 -22.71 -16.46 2.60
C GLY A 120 -22.66 -17.63 1.64
N GLY A 121 -23.63 -17.71 0.74
CA GLY A 121 -23.70 -18.83 -0.19
C GLY A 121 -23.72 -20.18 0.48
N GLY A 122 -24.48 -20.31 1.57
CA GLY A 122 -24.62 -21.60 2.22
C GLY A 122 -23.39 -22.10 2.94
N GLU A 123 -22.39 -21.24 3.15
CA GLU A 123 -21.18 -21.62 3.85
C GLU A 123 -20.81 -20.57 4.88
N ARG A 124 -20.16 -21.01 5.95
CA ARG A 124 -19.69 -20.11 7.01
C ARG A 124 -18.50 -19.33 6.50
N LEU A 125 -18.59 -18.00 6.56
CA LEU A 125 -17.52 -17.14 6.08
C LEU A 125 -16.70 -16.53 7.20
N GLY A 126 -17.19 -16.57 8.43
CA GLY A 126 -16.49 -15.93 9.53
C GLY A 126 -17.47 -15.67 10.66
N THR A 127 -17.05 -14.77 11.55
CA THR A 127 -17.81 -14.46 12.75
C THR A 127 -17.64 -13.01 13.12
N LEU A 128 -18.73 -12.36 13.49
CA LEU A 128 -18.72 -11.00 14.04
C LEU A 128 -18.95 -11.09 15.53
N VAL A 129 -18.06 -10.49 16.30
CA VAL A 129 -18.12 -10.51 17.75
C VAL A 129 -18.20 -9.07 18.24
N LEU A 130 -19.17 -8.79 19.10
CA LEU A 130 -19.37 -7.47 19.67
C LEU A 130 -19.36 -7.60 21.19
N GLY A 131 -18.75 -6.62 21.85
CA GLY A 131 -18.65 -6.66 23.29
C GLY A 131 -18.92 -5.30 23.93
N ARG A 132 -19.59 -5.31 25.08
CA ARG A 132 -19.83 -4.11 25.87
C ARG A 132 -19.43 -4.39 27.30
N VAL A 133 -18.80 -3.40 27.95
CA VAL A 133 -18.27 -3.62 29.28
C VAL A 133 -19.36 -3.53 30.35
N HIS A 134 -20.36 -2.67 30.16
CA HIS A 134 -21.34 -2.41 31.21
C HIS A 134 -22.79 -2.55 30.79
N ASP A 135 -23.09 -2.73 29.50
CA ASP A 135 -24.46 -2.60 29.02
C ASP A 135 -24.90 -3.81 28.19
N ASP A 136 -26.21 -3.95 28.08
CA ASP A 136 -26.85 -5.06 27.39
C ASP A 136 -26.98 -4.76 25.91
N PHE A 137 -27.22 -5.80 25.12
CA PHE A 137 -27.58 -5.69 23.72
C PHE A 137 -29.11 -5.81 23.63
N ASN A 138 -29.78 -4.72 23.29
CA ASN A 138 -31.22 -4.75 23.12
C ASN A 138 -31.58 -5.13 21.69
N GLU A 139 -32.88 -5.17 21.39
CA GLU A 139 -33.30 -5.67 20.08
C GLU A 139 -32.80 -4.76 18.96
N ASN A 140 -32.78 -3.45 19.20
CA ASN A 140 -32.24 -2.54 18.19
C ASN A 140 -30.76 -2.81 17.94
N ASP A 141 -30.00 -3.08 19.01
CA ASP A 141 -28.59 -3.37 18.85
C ASP A 141 -28.38 -4.64 18.02
N LEU A 142 -29.19 -5.66 18.26
CA LEU A 142 -29.04 -6.91 17.53
C LEU A 142 -29.39 -6.74 16.06
N VAL A 143 -30.37 -5.89 15.75
CA VAL A 143 -30.68 -5.61 14.35
C VAL A 143 -29.47 -5.00 13.66
N LEU A 144 -28.85 -4.01 14.30
CA LEU A 144 -27.67 -3.39 13.71
C LEU A 144 -26.52 -4.39 13.58
N GLY A 145 -26.36 -5.25 14.57
CA GLY A 145 -25.31 -6.25 14.49
C GLY A 145 -25.52 -7.22 13.34
N GLU A 146 -26.77 -7.68 13.17
CA GLU A 146 -27.06 -8.60 12.08
C GLU A 146 -26.79 -7.95 10.73
N TYR A 147 -27.18 -6.68 10.58
CA TYR A 147 -26.95 -6.00 9.30
C TYR A 147 -25.45 -5.90 9.02
N ALA A 148 -24.66 -5.52 10.04
CA ALA A 148 -23.23 -5.46 9.86
C ALA A 148 -22.67 -6.81 9.44
N ALA A 149 -23.12 -7.87 10.10
CA ALA A 149 -22.66 -9.21 9.73
C ALA A 149 -23.01 -9.53 8.28
N THR A 150 -24.23 -9.17 7.86
CA THR A 150 -24.65 -9.41 6.48
C THR A 150 -23.74 -8.68 5.50
N VAL A 151 -23.40 -7.43 5.79
CA VAL A 151 -22.57 -6.66 4.87
C VAL A 151 -21.18 -7.26 4.78
N ILE A 152 -20.58 -7.59 5.92
CA ILE A 152 -19.25 -8.18 5.92
C ILE A 152 -19.24 -9.48 5.11
N GLY A 153 -20.25 -10.32 5.30
CA GLY A 153 -20.32 -11.56 4.56
C GLY A 153 -20.29 -11.35 3.06
N MET A 154 -21.02 -10.33 2.58
CA MET A 154 -21.03 -10.05 1.16
C MET A 154 -19.65 -9.67 0.65
N GLU A 155 -18.89 -8.93 1.46
CA GLU A 155 -17.56 -8.50 1.04
C GLU A 155 -16.55 -9.64 1.12
N ILE A 156 -16.68 -10.50 2.11
CA ILE A 156 -15.84 -11.69 2.16
C ILE A 156 -16.15 -12.61 1.00
N LEU A 157 -17.44 -12.80 0.70
CA LEU A 157 -17.84 -13.66 -0.40
C LEU A 157 -17.26 -13.19 -1.73
N ARG A 158 -17.27 -11.89 -1.99
CA ARG A 158 -16.66 -11.38 -3.22
C ARG A 158 -15.15 -11.57 -3.18
N GLU A 159 -14.54 -11.40 -2.01
CA GLU A 159 -13.10 -11.57 -1.88
C GLU A 159 -12.70 -13.01 -2.12
N LYS A 160 -13.42 -13.96 -1.51
CA LYS A 160 -13.05 -15.36 -1.66
C LYS A 160 -13.28 -15.84 -3.08
N HIS A 161 -14.40 -15.46 -3.70
CA HIS A 161 -14.67 -15.83 -5.08
C HIS A 161 -13.48 -15.49 -5.99
N SER A 162 -13.02 -14.25 -5.95
CA SER A 162 -11.94 -13.82 -6.82
C SER A 162 -10.61 -14.47 -6.43
N GLU A 163 -10.44 -14.81 -5.15
CA GLU A 163 -9.20 -15.43 -4.72
C GLU A 163 -9.10 -16.87 -5.22
N VAL A 164 -10.19 -17.63 -5.10
CA VAL A 164 -10.19 -19.01 -5.58
C VAL A 164 -9.96 -19.04 -7.09
N GLU A 165 -10.64 -18.15 -7.82
CA GLU A 165 -10.46 -18.12 -9.27
C GLU A 165 -9.02 -17.80 -9.64
N LYS A 166 -8.41 -16.82 -8.95
CA LYS A 166 -7.05 -16.44 -9.28
C LYS A 166 -6.08 -17.58 -9.00
N GLU A 167 -6.19 -18.20 -7.82
CA GLU A 167 -5.28 -19.28 -7.47
C GLU A 167 -5.41 -20.44 -8.45
N ALA A 168 -6.64 -20.73 -8.89
CA ALA A 168 -6.83 -21.78 -9.88
C ALA A 168 -6.22 -21.40 -11.21
N ARG A 169 -6.41 -20.15 -11.63
CA ARG A 169 -5.80 -19.68 -12.88
C ARG A 169 -4.29 -19.80 -12.81
N ASP A 170 -3.69 -19.47 -11.67
CA ASP A 170 -2.25 -19.55 -11.52
C ASP A 170 -1.77 -21.00 -11.53
N LYS A 171 -2.47 -21.88 -10.81
CA LYS A 171 -2.06 -23.28 -10.77
C LYS A 171 -2.16 -23.92 -12.16
N ALA A 172 -3.22 -23.60 -12.90
CA ALA A 172 -3.34 -24.12 -14.26
C ALA A 172 -2.21 -23.63 -15.15
N ALA A 173 -1.88 -22.35 -15.04
CA ALA A 173 -0.80 -21.79 -15.86
C ALA A 173 0.54 -22.45 -15.55
N ILE A 174 0.84 -22.66 -14.27
CA ILE A 174 2.11 -23.28 -13.90
C ILE A 174 2.17 -24.70 -14.46
N THR A 175 1.11 -25.48 -14.24
CA THR A 175 1.09 -26.86 -14.72
C THR A 175 1.25 -26.91 -16.24
N MET A 176 0.59 -26.01 -16.95
CA MET A 176 0.67 -26.01 -18.41
C MET A 176 2.05 -25.53 -18.87
N ALA A 177 2.63 -24.56 -18.16
CA ALA A 177 3.99 -24.14 -18.48
C ALA A 177 4.97 -25.30 -18.28
N ILE A 178 4.90 -25.96 -17.13
CA ILE A 178 5.85 -27.02 -16.81
C ILE A 178 5.70 -28.18 -17.78
N ASN A 179 4.46 -28.50 -18.17
CA ASN A 179 4.25 -29.61 -19.11
C ASN A 179 4.81 -29.28 -20.49
N SER A 180 4.70 -28.02 -20.92
CA SER A 180 5.13 -27.64 -22.26
C SER A 180 6.64 -27.58 -22.39
N LEU A 181 7.38 -27.70 -21.30
CA LEU A 181 8.83 -27.57 -21.34
C LEU A 181 9.47 -28.91 -21.66
N SER A 182 10.44 -28.89 -22.56
CA SER A 182 11.28 -30.05 -22.82
C SER A 182 12.22 -30.29 -21.64
N TYR A 183 12.97 -31.38 -21.71
CA TYR A 183 13.93 -31.68 -20.65
C TYR A 183 15.06 -30.66 -20.62
N SER A 184 15.61 -30.32 -21.78
CA SER A 184 16.67 -29.33 -21.86
C SER A 184 16.15 -27.93 -21.52
N GLU A 185 14.95 -27.59 -21.98
CA GLU A 185 14.39 -26.27 -21.69
C GLU A 185 14.13 -26.10 -20.20
N LYS A 186 13.70 -27.17 -19.52
CA LYS A 186 13.54 -27.10 -18.07
C LYS A 186 14.88 -26.80 -17.40
N GLU A 187 15.92 -27.52 -17.80
CA GLU A 187 17.23 -27.30 -17.20
C GLU A 187 17.71 -25.88 -17.42
N ALA A 188 17.42 -25.29 -18.59
CA ALA A 188 17.86 -23.93 -18.86
C ALA A 188 17.17 -22.92 -17.94
N ILE A 189 15.86 -23.09 -17.73
CA ILE A 189 15.14 -22.19 -16.82
C ILE A 189 15.75 -22.24 -15.43
N GLU A 190 16.07 -23.43 -14.94
CA GLU A 190 16.71 -23.55 -13.63
C GLU A 190 18.00 -22.75 -13.58
N HIS A 191 18.81 -22.80 -14.65
CA HIS A 191 20.05 -22.05 -14.68
C HIS A 191 19.78 -20.55 -14.84
N ILE A 192 18.77 -20.19 -15.64
CA ILE A 192 18.47 -18.77 -15.84
C ILE A 192 18.23 -18.08 -14.51
N PHE A 193 17.33 -18.62 -13.71
CA PHE A 193 17.01 -18.04 -12.40
C PHE A 193 18.09 -18.30 -11.37
N GLU A 194 19.01 -19.23 -11.63
CA GLU A 194 20.18 -19.34 -10.78
C GLU A 194 21.12 -18.15 -11.00
N GLU A 195 21.21 -17.67 -12.24
CA GLU A 195 22.02 -16.50 -12.54
C GLU A 195 21.33 -15.22 -12.09
N LEU A 196 20.03 -15.07 -12.39
CA LEU A 196 19.31 -13.88 -11.97
C LEU A 196 19.29 -13.73 -10.45
N GLY A 197 19.50 -14.80 -9.71
CA GLY A 197 19.50 -14.70 -8.26
C GLY A 197 18.18 -14.27 -7.68
N GLY A 198 17.08 -14.66 -8.32
CA GLY A 198 15.77 -14.25 -7.87
C GLY A 198 14.76 -14.49 -8.97
N THR A 199 13.58 -13.92 -8.76
CA THR A 199 12.47 -14.05 -9.72
C THR A 199 12.45 -12.94 -10.76
N GLU A 200 13.20 -11.88 -10.56
N GLU A 200 13.23 -11.88 -10.57
CA GLU A 200 13.26 -10.74 -11.48
CA GLU A 200 13.25 -10.75 -11.49
C GLU A 200 14.72 -10.41 -11.76
C GLU A 200 14.69 -10.31 -11.71
N GLY A 201 14.97 -9.78 -12.90
CA GLY A 201 16.28 -9.25 -13.19
C GLY A 201 16.53 -9.16 -14.69
N LEU A 202 17.73 -8.71 -15.00
CA LEU A 202 18.21 -8.55 -16.37
C LEU A 202 19.02 -9.76 -16.78
N LEU A 203 18.64 -10.36 -17.91
CA LEU A 203 19.31 -11.55 -18.43
C LEU A 203 20.03 -11.18 -19.72
N ILE A 204 21.32 -11.49 -19.78
CA ILE A 204 22.08 -11.41 -21.02
C ILE A 204 22.18 -12.85 -21.52
N ALA A 205 21.24 -13.24 -22.38
CA ALA A 205 21.13 -14.65 -22.77
C ALA A 205 22.43 -15.17 -23.37
N SER A 206 22.96 -14.48 -24.39
CA SER A 206 24.16 -14.93 -25.06
C SER A 206 25.29 -15.17 -24.06
N LYS A 207 25.51 -14.22 -23.15
CA LYS A 207 26.57 -14.37 -22.17
C LYS A 207 26.26 -15.47 -21.17
N VAL A 208 25.00 -15.59 -20.74
CA VAL A 208 24.65 -16.62 -19.78
C VAL A 208 24.69 -17.99 -20.44
N ALA A 209 24.27 -18.08 -21.70
CA ALA A 209 24.33 -19.35 -22.41
C ALA A 209 25.77 -19.83 -22.50
N ASP A 210 26.71 -18.92 -22.80
CA ASP A 210 28.10 -19.29 -22.86
C ASP A 210 28.57 -19.88 -21.54
N ARG A 211 28.27 -19.20 -20.42
CA ARG A 211 28.84 -19.60 -19.14
C ARG A 211 28.27 -20.92 -18.63
N VAL A 212 27.07 -21.31 -19.07
CA VAL A 212 26.44 -22.53 -18.59
C VAL A 212 26.61 -23.68 -19.57
N GLY A 213 27.20 -23.43 -20.73
CA GLY A 213 27.36 -24.48 -21.71
C GLY A 213 26.07 -24.85 -22.40
N ILE A 214 25.16 -23.91 -22.52
CA ILE A 214 23.88 -24.10 -23.20
C ILE A 214 23.81 -23.10 -24.35
N THR A 215 23.07 -23.47 -25.38
CA THR A 215 22.90 -22.61 -26.53
C THR A 215 21.94 -21.47 -26.21
N ARG A 216 22.12 -20.35 -26.90
CA ARG A 216 21.18 -19.24 -26.76
C ARG A 216 19.78 -19.63 -27.24
N SER A 217 19.70 -20.49 -28.26
CA SER A 217 18.39 -20.90 -28.77
C SER A 217 17.55 -21.59 -27.72
N VAL A 218 18.17 -22.46 -26.92
CA VAL A 218 17.42 -23.19 -25.89
C VAL A 218 16.86 -22.22 -24.86
N ILE A 219 17.69 -21.25 -24.43
CA ILE A 219 17.24 -20.23 -23.48
C ILE A 219 16.05 -19.47 -24.06
N VAL A 220 16.16 -19.05 -25.32
CA VAL A 220 15.11 -18.24 -25.94
C VAL A 220 13.81 -19.01 -26.02
N ASN A 221 13.89 -20.29 -26.42
CA ASN A 221 12.67 -21.08 -26.58
C ASN A 221 12.01 -21.36 -25.24
N ALA A 222 12.82 -21.60 -24.21
CA ALA A 222 12.26 -21.89 -22.88
C ALA A 222 11.49 -20.69 -22.36
N LEU A 223 12.09 -19.50 -22.43
CA LEU A 223 11.39 -18.30 -22.00
C LEU A 223 10.13 -18.09 -22.82
N ARG A 224 10.21 -18.36 -24.13
CA ARG A 224 9.06 -18.17 -25.00
C ARG A 224 7.88 -19.04 -24.55
N LYS A 225 8.16 -20.24 -24.05
CA LYS A 225 7.07 -21.09 -23.57
C LYS A 225 6.51 -20.58 -22.25
N LEU A 226 7.38 -20.08 -21.36
CA LEU A 226 6.88 -19.49 -20.12
C LEU A 226 6.06 -18.24 -20.41
N GLU A 227 6.49 -17.43 -21.37
CA GLU A 227 5.72 -16.25 -21.76
C GLU A 227 4.37 -16.66 -22.34
N SER A 228 4.36 -17.65 -23.23
CA SER A 228 3.10 -18.10 -23.83
C SER A 228 2.12 -18.59 -22.77
N ALA A 229 2.63 -19.24 -21.73
CA ALA A 229 1.77 -19.73 -20.66
C ALA A 229 1.39 -18.64 -19.66
N GLY A 230 1.91 -17.43 -19.80
CA GLY A 230 1.62 -16.38 -18.84
C GLY A 230 2.33 -16.51 -17.52
N VAL A 231 3.39 -17.31 -17.44
CA VAL A 231 4.09 -17.47 -16.18
C VAL A 231 5.06 -16.33 -15.93
N ILE A 232 5.68 -15.79 -16.97
CA ILE A 232 6.58 -14.66 -16.85
C ILE A 232 6.17 -13.60 -17.86
N GLU A 233 6.80 -12.44 -17.75
CA GLU A 233 6.78 -11.42 -18.80
C GLU A 233 8.23 -11.19 -19.25
N SER A 234 8.38 -10.93 -20.55
CA SER A 234 9.69 -10.73 -21.16
C SER A 234 9.67 -9.45 -21.98
N ARG A 235 10.84 -8.81 -22.06
CA ARG A 235 10.98 -7.57 -22.82
C ARG A 235 12.45 -7.43 -23.18
N SER A 236 12.76 -7.28 -24.45
CA SER A 236 14.12 -6.99 -24.88
C SER A 236 14.44 -5.54 -24.58
N LEU A 237 15.66 -5.30 -24.11
CA LEU A 237 16.08 -3.96 -23.68
C LEU A 237 17.06 -3.32 -24.65
N GLY A 238 17.23 -3.88 -25.83
CA GLY A 238 18.10 -3.31 -26.85
C GLY A 238 18.60 -4.42 -27.77
N MET A 239 19.80 -4.20 -28.32
CA MET A 239 20.42 -5.24 -29.13
C MET A 239 20.81 -6.44 -28.28
N LYS A 240 21.03 -6.24 -26.98
CA LYS A 240 21.25 -7.33 -26.05
C LYS A 240 20.29 -7.18 -24.88
N GLY A 241 20.23 -8.22 -24.06
CA GLY A 241 19.54 -8.15 -22.79
C GLY A 241 18.04 -8.32 -22.86
N THR A 242 17.49 -8.99 -21.85
CA THR A 242 16.07 -9.27 -21.75
C THR A 242 15.67 -9.12 -20.29
N PHE A 243 14.60 -8.38 -20.03
CA PHE A 243 14.06 -8.28 -18.68
C PHE A 243 13.13 -9.46 -18.45
N ILE A 244 13.26 -10.09 -17.29
CA ILE A 244 12.49 -11.28 -16.93
C ILE A 244 11.82 -11.02 -15.59
N LYS A 245 10.53 -11.31 -15.50
CA LYS A 245 9.81 -11.26 -14.24
C LYS A 245 8.85 -12.44 -14.18
N VAL A 246 8.94 -13.22 -13.10
CA VAL A 246 7.99 -14.29 -12.85
C VAL A 246 6.70 -13.69 -12.32
N LYS A 247 5.59 -14.05 -12.97
CA LYS A 247 4.27 -13.60 -12.52
C LYS A 247 3.57 -14.61 -11.62
N LYS A 248 3.95 -15.88 -11.68
CA LYS A 248 3.36 -16.93 -10.86
C LYS A 248 4.38 -17.26 -9.77
N GLU A 249 4.10 -16.78 -8.55
N GLU A 249 4.10 -16.79 -8.54
CA GLU A 249 5.08 -16.87 -7.47
CA GLU A 249 5.08 -16.86 -7.47
C GLU A 249 5.49 -18.31 -7.19
C GLU A 249 5.50 -18.31 -7.21
N LYS A 250 4.53 -19.23 -7.16
CA LYS A 250 4.82 -20.62 -6.83
C LYS A 250 5.39 -21.41 -8.00
N PHE A 251 5.73 -20.75 -9.11
CA PHE A 251 6.18 -21.48 -10.29
C PHE A 251 7.47 -22.25 -10.01
N LEU A 252 8.49 -21.56 -9.50
CA LEU A 252 9.79 -22.21 -9.32
C LEU A 252 9.69 -23.37 -8.33
N ASP A 253 8.96 -23.19 -7.24
CA ASP A 253 8.75 -24.29 -6.31
C ASP A 253 8.14 -25.50 -7.02
N GLU A 254 7.09 -25.26 -7.81
CA GLU A 254 6.46 -26.34 -8.56
C GLU A 254 7.41 -26.93 -9.60
N LEU A 255 8.27 -26.09 -10.19
CA LEU A 255 9.17 -26.58 -11.24
C LEU A 255 10.12 -27.63 -10.69
N GLU A 256 10.78 -27.33 -9.55
CA GLU A 256 11.72 -28.29 -8.99
C GLU A 256 11.03 -29.60 -8.62
N LYS A 257 9.73 -29.55 -8.29
CA LYS A 257 8.98 -30.77 -8.05
C LYS A 257 8.77 -31.58 -9.32
N SER A 258 8.83 -30.93 -10.49
CA SER A 258 8.66 -31.63 -11.76
C SER A 258 9.89 -32.50 -12.03
N MET B 3 35.32 -3.43 -17.13
CA MET B 3 34.22 -4.19 -16.47
C MET B 3 33.19 -4.59 -17.53
N SER B 4 32.82 -5.87 -17.54
CA SER B 4 32.00 -6.40 -18.62
C SER B 4 30.51 -6.15 -18.34
N LEU B 5 29.70 -6.34 -19.38
CA LEU B 5 28.26 -6.14 -19.26
C LEU B 5 27.67 -7.06 -18.20
N LEU B 6 28.13 -8.31 -18.15
CA LEU B 6 27.52 -9.28 -17.24
C LEU B 6 27.87 -8.98 -15.79
N SER B 7 29.11 -8.54 -15.52
CA SER B 7 29.46 -8.16 -14.15
C SER B 7 28.60 -6.99 -13.69
N LYS B 8 28.45 -5.97 -14.52
CA LYS B 8 27.56 -4.86 -14.18
C LYS B 8 26.13 -5.35 -14.02
N THR B 9 25.67 -6.25 -14.90
CA THR B 9 24.31 -6.75 -14.81
C THR B 9 24.07 -7.46 -13.50
N ARG B 10 25.05 -8.27 -13.05
CA ARG B 10 24.90 -8.95 -11.76
C ARG B 10 24.75 -7.95 -10.63
N GLU B 11 25.54 -6.88 -10.66
CA GLU B 11 25.45 -5.86 -9.62
C GLU B 11 24.03 -5.29 -9.55
N LEU B 12 23.47 -4.94 -10.71
CA LEU B 12 22.16 -4.29 -10.71
C LEU B 12 21.07 -5.24 -10.26
N ASN B 13 21.16 -6.52 -10.64
CA ASN B 13 20.14 -7.47 -10.22
C ASN B 13 20.10 -7.61 -8.71
N THR B 14 21.27 -7.66 -8.07
CA THR B 14 21.31 -7.89 -6.62
C THR B 14 20.90 -6.64 -5.85
N LEU B 15 21.30 -5.46 -6.35
CA LEU B 15 21.12 -4.22 -5.59
C LEU B 15 19.77 -3.56 -5.84
N LEU B 16 19.19 -3.76 -7.02
CA LEU B 16 17.87 -3.20 -7.32
C LEU B 16 16.75 -4.18 -7.00
N GLN B 17 17.07 -5.40 -6.56
CA GLN B 17 16.05 -6.40 -6.30
C GLN B 17 15.08 -5.89 -5.26
N LYS B 18 13.78 -5.94 -5.60
CA LYS B 18 12.74 -5.49 -4.70
C LYS B 18 12.42 -6.57 -3.67
N HIS B 19 12.50 -6.23 -2.40
CA HIS B 19 12.00 -7.08 -1.32
C HIS B 19 10.73 -6.42 -0.77
N LYS B 20 9.64 -7.19 -0.72
CA LYS B 20 8.39 -6.67 -0.18
C LYS B 20 8.53 -6.36 1.30
N GLY B 21 7.76 -5.39 1.76
CA GLY B 21 7.84 -4.93 3.12
C GLY B 21 8.87 -3.83 3.33
N ILE B 22 9.62 -3.51 2.29
CA ILE B 22 10.68 -2.51 2.33
C ILE B 22 10.30 -1.43 1.32
N ALA B 23 10.35 -0.17 1.73
CA ALA B 23 10.03 0.91 0.83
C ALA B 23 11.24 1.26 -0.02
N VAL B 24 10.99 1.54 -1.30
CA VAL B 24 12.06 1.88 -2.24
C VAL B 24 12.52 3.30 -1.97
N ASP B 25 13.83 3.48 -1.86
CA ASP B 25 14.45 4.79 -1.64
C ASP B 25 15.11 5.20 -2.95
N PHE B 26 14.52 6.16 -3.64
CA PHE B 26 15.00 6.51 -4.98
C PHE B 26 16.37 7.17 -4.93
N LYS B 27 16.73 7.83 -3.83
CA LYS B 27 18.09 8.33 -3.68
C LYS B 27 19.09 7.19 -3.71
N ASP B 28 18.80 6.10 -2.98
CA ASP B 28 19.70 4.96 -2.99
C ASP B 28 19.69 4.23 -4.32
N VAL B 29 18.54 4.22 -5.01
CA VAL B 29 18.50 3.68 -6.36
C VAL B 29 19.38 4.51 -7.29
N ALA B 30 19.29 5.83 -7.19
CA ALA B 30 20.10 6.69 -8.04
C ALA B 30 21.59 6.49 -7.78
N GLN B 31 21.96 6.35 -6.50
CA GLN B 31 23.38 6.14 -6.19
C GLN B 31 23.86 4.81 -6.75
N THR B 32 23.02 3.76 -6.66
CA THR B 32 23.40 2.48 -7.23
C THR B 32 23.63 2.59 -8.73
N ILE B 33 22.70 3.24 -9.45
CA ILE B 33 22.85 3.37 -10.89
C ILE B 33 24.10 4.16 -11.21
N SER B 34 24.32 5.27 -10.50
CA SER B 34 25.48 6.12 -10.74
C SER B 34 26.77 5.34 -10.59
N SER B 35 26.87 4.51 -9.54
CA SER B 35 28.13 3.83 -9.28
C SER B 35 28.37 2.67 -10.24
N VAL B 36 27.30 1.94 -10.60
CA VAL B 36 27.50 0.78 -11.48
C VAL B 36 27.80 1.22 -12.90
N THR B 37 27.04 2.20 -13.41
CA THR B 37 27.18 2.63 -14.79
C THR B 37 28.11 3.82 -14.96
N VAL B 38 28.61 4.40 -13.88
CA VAL B 38 29.56 5.51 -13.95
C VAL B 38 28.91 6.69 -14.66
N THR B 39 27.88 7.26 -14.05
CA THR B 39 27.18 8.38 -14.65
C THR B 39 26.59 9.26 -13.55
N ASN B 40 26.16 10.45 -13.95
CA ASN B 40 25.28 11.27 -13.14
C ASN B 40 23.84 10.85 -13.42
N VAL B 41 23.07 10.63 -12.37
CA VAL B 41 21.74 10.04 -12.49
C VAL B 41 20.70 11.00 -11.92
N PHE B 42 19.59 11.13 -12.62
CA PHE B 42 18.45 11.93 -12.17
C PHE B 42 17.18 11.17 -12.48
N ILE B 43 16.41 10.87 -11.44
CA ILE B 43 15.12 10.20 -11.57
C ILE B 43 14.04 11.27 -11.39
N VAL B 44 13.26 11.52 -12.43
CA VAL B 44 12.33 12.63 -12.47
C VAL B 44 10.91 12.07 -12.58
N SER B 45 10.02 12.54 -11.70
CA SER B 45 8.63 12.13 -11.76
C SER B 45 7.95 12.74 -12.99
N ARG B 46 6.75 12.30 -13.27
CA ARG B 46 6.01 12.86 -14.41
C ARG B 46 5.82 14.34 -14.27
N ARG B 47 5.61 14.80 -13.07
CA ARG B 47 5.40 16.20 -12.81
C ARG B 47 6.67 17.06 -12.80
N GLY B 48 7.83 16.47 -12.97
CA GLY B 48 9.05 17.21 -12.92
C GLY B 48 9.81 17.30 -11.62
N LYS B 49 9.41 16.57 -10.60
CA LYS B 49 10.16 16.56 -9.35
C LYS B 49 11.28 15.53 -9.42
N ILE B 50 12.44 15.89 -8.86
CA ILE B 50 13.59 15.00 -8.77
C ILE B 50 13.38 14.06 -7.59
N LEU B 51 12.92 12.84 -7.87
CA LEU B 51 12.74 11.86 -6.82
C LEU B 51 14.06 11.42 -6.22
N GLY B 52 15.14 11.45 -7.03
CA GLY B 52 16.44 11.02 -6.57
C GLY B 52 17.52 11.36 -7.56
N SER B 53 18.74 11.60 -7.06
CA SER B 53 19.86 11.93 -7.93
C SER B 53 21.15 11.53 -7.23
N SER B 54 22.19 11.32 -8.04
CA SER B 54 23.51 10.98 -7.54
C SER B 54 24.51 11.37 -8.61
N LEU B 55 25.56 12.08 -8.24
CA LEU B 55 26.60 12.46 -9.18
C LEU B 55 27.71 11.42 -9.16
N ASN B 56 28.43 11.32 -10.28
CA ASN B 56 29.65 10.51 -10.33
C ASN B 56 30.75 11.35 -9.71
N GLU B 57 30.94 11.20 -8.40
CA GLU B 57 31.94 11.97 -7.66
C GLU B 57 33.35 11.46 -7.90
N LEU B 58 33.51 10.44 -8.74
CA LEU B 58 34.82 9.92 -9.11
C LEU B 58 35.38 10.62 -10.34
N LEU B 59 35.03 11.87 -10.57
CA LEU B 59 35.57 12.65 -11.67
C LEU B 59 36.90 13.26 -11.24
N LYS B 60 37.81 13.37 -12.21
CA LYS B 60 39.16 13.85 -11.91
C LYS B 60 39.19 15.35 -11.67
N SER B 61 38.35 16.11 -12.38
CA SER B 61 38.40 17.56 -12.35
C SER B 61 37.57 18.08 -11.19
N GLN B 62 38.23 18.72 -10.22
CA GLN B 62 37.52 19.26 -9.06
C GLN B 62 36.59 20.40 -9.44
N ARG B 63 36.92 21.18 -10.48
CA ARG B 63 36.05 22.26 -10.88
C ARG B 63 34.75 21.75 -11.45
N ILE B 64 34.82 20.67 -12.24
CA ILE B 64 33.58 20.07 -12.76
C ILE B 64 32.76 19.53 -11.61
N ILE B 65 33.39 18.80 -10.69
CA ILE B 65 32.66 18.29 -9.53
C ILE B 65 31.92 19.41 -8.82
N GLN B 66 32.65 20.49 -8.51
CA GLN B 66 32.07 21.57 -7.72
C GLN B 66 30.92 22.24 -8.47
N MET B 67 31.07 22.42 -9.78
CA MET B 67 29.99 23.02 -10.55
C MET B 67 28.73 22.13 -10.53
N LEU B 68 28.93 20.82 -10.62
CA LEU B 68 27.77 19.91 -10.60
C LEU B 68 27.14 19.87 -9.20
N GLU B 69 27.95 19.90 -8.15
CA GLU B 69 27.40 19.92 -6.79
C GLU B 69 26.58 21.18 -6.55
N GLU B 70 26.99 22.29 -7.14
CA GLU B 70 26.37 23.59 -6.85
C GLU B 70 25.11 23.83 -7.66
N ARG B 71 24.93 23.14 -8.77
CA ARG B 71 23.83 23.45 -9.67
C ARG B 71 22.54 22.77 -9.22
N HIS B 72 21.44 23.50 -9.31
CA HIS B 72 20.11 22.95 -9.12
C HIS B 72 19.50 22.76 -10.51
N ILE B 73 19.11 21.53 -10.83
CA ILE B 73 18.50 21.24 -12.13
C ILE B 73 17.27 22.12 -12.24
N PRO B 74 17.15 22.98 -13.26
CA PRO B 74 16.01 23.91 -13.31
C PRO B 74 14.70 23.17 -13.53
N SER B 75 13.64 23.67 -12.91
CA SER B 75 12.31 23.10 -13.11
C SER B 75 11.86 23.22 -14.56
N GLU B 76 12.29 24.28 -15.25
CA GLU B 76 11.98 24.40 -16.66
C GLU B 76 12.50 23.20 -17.43
N TYR B 77 13.67 22.68 -17.04
CA TYR B 77 14.23 21.51 -17.74
C TYR B 77 13.46 20.25 -17.41
N THR B 78 13.28 19.95 -16.12
CA THR B 78 12.62 18.72 -15.72
C THR B 78 11.21 18.62 -16.28
N GLU B 79 10.50 19.74 -16.38
CA GLU B 79 9.15 19.70 -16.94
C GLU B 79 9.19 19.44 -18.44
N ARG B 80 10.19 19.98 -19.14
CA ARG B 80 10.29 19.71 -20.57
C ARG B 80 10.50 18.21 -20.86
N LEU B 81 10.98 17.44 -19.89
CA LEU B 81 11.31 16.04 -20.13
C LEU B 81 10.11 15.26 -20.65
N MET B 82 8.90 15.64 -20.25
CA MET B 82 7.70 14.98 -20.77
C MET B 82 7.71 14.95 -22.30
N GLU B 83 8.34 15.92 -22.95
CA GLU B 83 8.30 15.98 -24.39
C GLU B 83 9.16 14.89 -25.03
N VAL B 84 10.08 14.28 -24.29
CA VAL B 84 10.88 13.18 -24.80
C VAL B 84 10.05 11.91 -24.66
N LYS B 85 9.58 11.38 -25.79
CA LYS B 85 8.68 10.24 -25.78
C LYS B 85 9.40 8.93 -25.97
N GLN B 86 10.59 8.94 -26.57
CA GLN B 86 11.41 7.75 -26.76
C GLN B 86 12.84 8.05 -26.33
N THR B 87 13.61 6.98 -26.18
CA THR B 87 14.98 7.13 -25.69
C THR B 87 15.77 8.02 -26.62
N GLU B 88 16.41 9.04 -26.03
CA GLU B 88 17.31 9.95 -26.75
C GLU B 88 18.69 9.82 -26.11
N SER B 89 19.66 9.36 -26.89
CA SER B 89 20.98 9.01 -26.37
C SER B 89 22.06 9.91 -26.93
N ASN B 90 23.09 10.16 -26.12
CA ASN B 90 24.28 10.89 -26.55
C ASN B 90 23.95 12.30 -27.02
N ILE B 91 23.09 12.96 -26.25
CA ILE B 91 22.73 14.34 -26.51
C ILE B 91 23.93 15.23 -26.19
N ASP B 92 24.26 16.16 -27.09
CA ASP B 92 25.44 16.99 -26.94
C ASP B 92 25.12 18.26 -26.12
N ILE B 93 26.17 19.02 -25.81
CA ILE B 93 26.04 20.11 -24.84
C ILE B 93 25.21 21.25 -25.41
N ASP B 94 25.17 21.40 -26.73
CA ASP B 94 24.39 22.47 -27.35
C ASP B 94 22.91 22.15 -27.44
N ASN B 95 22.50 20.93 -27.09
CA ASN B 95 21.09 20.55 -27.16
C ASN B 95 20.35 21.08 -25.94
N VAL B 96 19.11 21.52 -26.16
CA VAL B 96 18.31 22.02 -25.05
C VAL B 96 17.99 20.90 -24.07
N LEU B 97 18.11 19.64 -24.49
CA LEU B 97 17.87 18.50 -23.61
C LEU B 97 19.10 18.09 -22.81
N THR B 98 20.23 18.77 -22.99
CA THR B 98 21.41 18.45 -22.17
C THR B 98 21.12 18.68 -20.69
N VAL B 99 21.61 17.78 -19.85
CA VAL B 99 21.41 17.92 -18.42
C VAL B 99 22.54 18.66 -17.73
N PHE B 100 23.56 19.09 -18.49
CA PHE B 100 24.74 19.72 -17.90
C PHE B 100 24.59 21.24 -17.90
N PRO B 101 25.36 21.92 -17.04
CA PRO B 101 25.19 23.37 -16.88
C PRO B 101 25.42 24.10 -18.20
N PRO B 102 24.62 25.15 -18.46
CA PRO B 102 24.76 25.85 -19.75
C PRO B 102 25.90 26.85 -19.79
N GLU B 103 26.49 27.16 -18.63
CA GLU B 103 27.41 28.28 -18.55
C GLU B 103 28.75 27.92 -19.19
N ASN B 104 29.44 26.93 -18.63
CA ASN B 104 30.79 26.57 -19.08
C ASN B 104 30.71 25.50 -20.17
N ARG B 105 30.43 25.96 -21.39
CA ARG B 105 30.37 25.04 -22.51
C ARG B 105 31.69 24.33 -22.71
N GLU B 106 32.80 24.97 -22.34
CA GLU B 106 34.12 24.41 -22.63
C GLU B 106 34.46 23.26 -21.68
N LEU B 107 34.00 23.32 -20.43
CA LEU B 107 34.25 22.19 -19.52
C LEU B 107 33.38 20.99 -19.87
N PHE B 108 32.20 21.24 -20.44
CA PHE B 108 31.25 20.18 -20.78
C PHE B 108 31.10 20.00 -22.28
N ILE B 109 32.11 20.41 -23.06
CA ILE B 109 32.01 20.39 -24.50
C ILE B 109 31.85 18.96 -25.03
N ASP B 110 32.37 17.97 -24.31
CA ASP B 110 32.27 16.58 -24.71
C ASP B 110 31.22 15.82 -23.91
N SER B 111 30.34 16.51 -23.21
CA SER B 111 29.34 15.85 -22.39
C SER B 111 28.29 15.15 -23.26
N ARG B 112 27.75 14.07 -22.73
CA ARG B 112 26.65 13.35 -23.33
C ARG B 112 25.55 13.19 -22.30
N THR B 113 24.33 13.50 -22.70
CA THR B 113 23.14 13.20 -21.91
C THR B 113 22.33 12.12 -22.62
N THR B 114 21.74 11.21 -21.85
CA THR B 114 20.82 10.20 -22.37
C THR B 114 19.56 10.22 -21.54
N ILE B 115 18.41 10.15 -22.19
CA ILE B 115 17.11 10.32 -21.56
C ILE B 115 16.26 9.08 -21.86
N PHE B 116 15.72 8.46 -20.82
CA PHE B 116 14.90 7.28 -20.92
C PHE B 116 13.50 7.59 -20.42
N PRO B 117 12.46 7.54 -21.23
CA PRO B 117 11.11 7.61 -20.68
C PRO B 117 10.87 6.41 -19.76
N ILE B 118 10.22 6.65 -18.63
CA ILE B 118 9.85 5.60 -17.69
C ILE B 118 8.36 5.32 -17.86
N LEU B 119 8.06 4.18 -18.47
CA LEU B 119 6.71 3.80 -18.82
C LEU B 119 6.23 2.65 -17.94
N GLY B 120 4.94 2.66 -17.65
CA GLY B 120 4.33 1.62 -16.86
C GLY B 120 2.83 1.59 -17.06
N GLY B 121 2.32 0.44 -17.48
CA GLY B 121 0.90 0.34 -17.78
C GLY B 121 0.43 1.34 -18.83
N GLY B 122 1.24 1.54 -19.86
CA GLY B 122 0.85 2.41 -20.96
C GLY B 122 0.79 3.88 -20.65
N GLU B 123 1.38 4.33 -19.54
CA GLU B 123 1.38 5.74 -19.19
C GLU B 123 2.77 6.18 -18.78
N ARG B 124 3.06 7.46 -19.00
CA ARG B 124 4.34 8.04 -18.62
C ARG B 124 4.39 8.21 -17.10
N LEU B 125 5.37 7.58 -16.47
CA LEU B 125 5.52 7.63 -15.02
C LEU B 125 6.64 8.56 -14.56
N GLY B 126 7.52 8.96 -15.46
CA GLY B 126 8.66 9.78 -15.09
C GLY B 126 9.74 9.65 -16.16
N THR B 127 10.95 10.04 -15.77
CA THR B 127 12.05 10.06 -16.71
C THR B 127 13.35 9.74 -15.99
N LEU B 128 14.19 8.91 -16.61
CA LEU B 128 15.54 8.65 -16.15
C LEU B 128 16.49 9.42 -17.05
N VAL B 129 17.35 10.23 -16.44
CA VAL B 129 18.31 11.05 -17.16
C VAL B 129 19.72 10.68 -16.69
N LEU B 130 20.60 10.38 -17.63
CA LEU B 130 21.97 10.01 -17.37
C LEU B 130 22.91 10.97 -18.09
N GLY B 131 24.02 11.31 -17.44
CA GLY B 131 24.97 12.21 -18.03
C GLY B 131 26.41 11.79 -17.79
N ARG B 132 27.26 11.97 -18.79
CA ARG B 132 28.69 11.74 -18.68
C ARG B 132 29.41 12.97 -19.21
N VAL B 133 30.51 13.33 -18.54
CA VAL B 133 31.21 14.55 -18.90
C VAL B 133 32.11 14.37 -20.10
N HIS B 134 32.72 13.19 -20.26
CA HIS B 134 33.73 13.00 -21.30
C HIS B 134 33.50 11.83 -22.23
N ASP B 135 32.54 10.95 -21.96
CA ASP B 135 32.45 9.67 -22.64
C ASP B 135 31.07 9.45 -23.23
N ASP B 136 31.02 8.54 -24.20
CA ASP B 136 29.83 8.18 -24.93
C ASP B 136 29.03 7.13 -24.17
N PHE B 137 27.76 7.00 -24.54
CA PHE B 137 26.93 5.89 -24.08
C PHE B 137 26.92 4.86 -25.20
N ASN B 138 27.58 3.72 -24.97
CA ASN B 138 27.60 2.64 -25.96
C ASN B 138 26.39 1.74 -25.73
N GLU B 139 26.26 0.70 -26.56
CA GLU B 139 25.05 -0.10 -26.53
C GLU B 139 24.89 -0.83 -25.21
N ASN B 140 25.99 -1.27 -24.60
CA ASN B 140 25.89 -1.91 -23.30
C ASN B 140 25.37 -0.93 -22.24
N ASP B 141 25.80 0.33 -22.32
CA ASP B 141 25.32 1.33 -21.38
C ASP B 141 23.82 1.55 -21.53
N LEU B 142 23.31 1.58 -22.76
CA LEU B 142 21.89 1.81 -22.97
C LEU B 142 21.05 0.64 -22.48
N VAL B 143 21.55 -0.59 -22.60
CA VAL B 143 20.83 -1.74 -22.05
C VAL B 143 20.70 -1.59 -20.54
N LEU B 144 21.81 -1.23 -19.87
CA LEU B 144 21.77 -1.03 -18.42
C LEU B 144 20.86 0.12 -18.07
N GLY B 145 20.91 1.21 -18.83
CA GLY B 145 20.03 2.33 -18.58
C GLY B 145 18.57 1.96 -18.77
N GLU B 146 18.26 1.25 -19.85
CA GLU B 146 16.88 0.80 -20.09
C GLU B 146 16.40 -0.12 -18.96
N TYR B 147 17.27 -1.01 -18.50
CA TYR B 147 16.88 -1.88 -17.39
C TYR B 147 16.58 -1.06 -16.14
N ALA B 148 17.43 -0.07 -15.82
CA ALA B 148 17.16 0.78 -14.67
C ALA B 148 15.83 1.48 -14.82
N ALA B 149 15.54 2.02 -16.01
CA ALA B 149 14.25 2.67 -16.24
C ALA B 149 13.09 1.68 -16.06
N THR B 150 13.23 0.46 -16.56
CA THR B 150 12.17 -0.53 -16.40
C THR B 150 11.91 -0.81 -14.93
N VAL B 151 12.96 -0.93 -14.12
CA VAL B 151 12.79 -1.21 -12.70
C VAL B 151 12.10 -0.04 -12.01
N ILE B 152 12.57 1.18 -12.27
CA ILE B 152 11.98 2.35 -11.64
C ILE B 152 10.50 2.45 -11.99
N GLY B 153 10.15 2.22 -13.24
CA GLY B 153 8.76 2.29 -13.64
C GLY B 153 7.87 1.37 -12.85
N MET B 154 8.31 0.14 -12.61
CA MET B 154 7.49 -0.80 -11.86
C MET B 154 7.29 -0.35 -10.41
N GLU B 155 8.30 0.28 -9.82
CA GLU B 155 8.17 0.74 -8.44
C GLU B 155 7.34 2.03 -8.37
N ILE B 156 7.46 2.91 -9.36
CA ILE B 156 6.59 4.10 -9.38
C ILE B 156 5.14 3.68 -9.59
N LEU B 157 4.90 2.77 -10.53
CA LEU B 157 3.54 2.28 -10.75
C LEU B 157 2.98 1.68 -9.47
N ARG B 158 3.83 0.95 -8.74
CA ARG B 158 3.44 0.40 -7.44
C ARG B 158 3.17 1.50 -6.43
N GLU B 159 3.94 2.58 -6.47
CA GLU B 159 3.71 3.67 -5.53
C GLU B 159 2.40 4.40 -5.85
N LYS B 160 2.18 4.72 -7.12
CA LYS B 160 0.99 5.49 -7.49
C LYS B 160 -0.29 4.69 -7.28
N HIS B 161 -0.28 3.41 -7.67
CA HIS B 161 -1.45 2.57 -7.43
C HIS B 161 -1.90 2.67 -5.98
N SER B 162 -0.97 2.47 -5.04
CA SER B 162 -1.32 2.53 -3.63
C SER B 162 -1.62 3.96 -3.18
N GLU B 163 -1.03 4.95 -3.84
CA GLU B 163 -1.26 6.34 -3.46
C GLU B 163 -2.62 6.82 -3.94
N VAL B 164 -2.99 6.51 -5.18
CA VAL B 164 -4.29 6.93 -5.71
C VAL B 164 -5.41 6.32 -4.88
N GLU B 165 -5.30 5.02 -4.56
CA GLU B 165 -6.33 4.37 -3.77
C GLU B 165 -6.51 5.06 -2.41
N LYS B 166 -5.40 5.40 -1.75
CA LYS B 166 -5.49 6.05 -0.45
C LYS B 166 -6.16 7.41 -0.55
N GLU B 167 -5.75 8.22 -1.53
CA GLU B 167 -6.31 9.55 -1.66
C GLU B 167 -7.81 9.51 -1.93
N ALA B 168 -8.26 8.51 -2.68
CA ALA B 168 -9.68 8.36 -2.92
C ALA B 168 -10.42 7.96 -1.65
N ARG B 169 -9.87 7.02 -0.89
CA ARG B 169 -10.48 6.64 0.38
C ARG B 169 -10.57 7.82 1.32
N ASP B 170 -9.54 8.67 1.35
CA ASP B 170 -9.56 9.81 2.27
C ASP B 170 -10.59 10.85 1.83
N LYS B 171 -10.63 11.17 0.53
CA LYS B 171 -11.58 12.17 0.07
C LYS B 171 -13.03 11.70 0.24
N ALA B 172 -13.30 10.42 -0.05
CA ALA B 172 -14.65 9.91 0.16
C ALA B 172 -15.03 9.98 1.63
N ALA B 173 -14.11 9.61 2.53
CA ALA B 173 -14.39 9.65 3.96
C ALA B 173 -14.68 11.07 4.41
N ILE B 174 -13.89 12.03 3.95
CA ILE B 174 -14.12 13.42 4.31
C ILE B 174 -15.47 13.88 3.81
N THR B 175 -15.77 13.60 2.53
CA THR B 175 -17.02 14.05 1.95
C THR B 175 -18.21 13.45 2.68
N MET B 176 -18.14 12.17 3.05
CA MET B 176 -19.27 11.55 3.74
C MET B 176 -19.39 12.08 5.16
N ALA B 177 -18.26 12.34 5.80
CA ALA B 177 -18.30 12.95 7.13
C ALA B 177 -18.99 14.31 7.09
N ILE B 178 -18.59 15.16 6.13
CA ILE B 178 -19.13 16.50 6.06
C ILE B 178 -20.62 16.47 5.74
N ASN B 179 -21.04 15.52 4.90
CA ASN B 179 -22.45 15.44 4.53
C ASN B 179 -23.32 15.04 5.71
N SER B 180 -22.83 14.13 6.56
CA SER B 180 -23.63 13.62 7.66
C SER B 180 -23.75 14.61 8.81
N LEU B 181 -23.01 15.71 8.78
CA LEU B 181 -23.01 16.67 9.88
C LEU B 181 -24.13 17.68 9.69
N SER B 182 -24.84 17.96 10.79
CA SER B 182 -25.80 19.06 10.80
C SER B 182 -25.05 20.39 10.82
N TYR B 183 -25.81 21.47 10.72
CA TYR B 183 -25.21 22.80 10.76
C TYR B 183 -24.60 23.07 12.15
N SER B 184 -25.31 22.69 13.21
CA SER B 184 -24.80 22.91 14.55
C SER B 184 -23.55 22.08 14.80
N GLU B 185 -23.55 20.83 14.32
CA GLU B 185 -22.37 19.98 14.48
C GLU B 185 -21.18 20.53 13.70
N LYS B 186 -21.44 21.11 12.53
CA LYS B 186 -20.37 21.74 11.77
C LYS B 186 -19.75 22.88 12.54
N GLU B 187 -20.58 23.77 13.09
CA GLU B 187 -20.05 24.91 13.82
C GLU B 187 -19.23 24.46 15.02
N ALA B 188 -19.67 23.40 15.70
CA ALA B 188 -18.97 22.94 16.89
C ALA B 188 -17.58 22.39 16.53
N ILE B 189 -17.49 21.60 15.47
CA ILE B 189 -16.19 21.04 15.07
C ILE B 189 -15.21 22.17 14.76
N GLU B 190 -15.67 23.19 14.04
CA GLU B 190 -14.79 24.33 13.76
C GLU B 190 -14.27 24.96 15.04
N HIS B 191 -15.14 25.08 16.05
CA HIS B 191 -14.71 25.67 17.32
C HIS B 191 -13.78 24.72 18.07
N ILE B 192 -14.04 23.41 17.98
CA ILE B 192 -13.21 22.44 18.69
C ILE B 192 -11.76 22.60 18.29
N PHE B 193 -11.48 22.58 16.99
CA PHE B 193 -10.10 22.69 16.53
C PHE B 193 -9.54 24.10 16.64
N GLU B 194 -10.39 25.11 16.80
CA GLU B 194 -9.90 26.44 17.15
C GLU B 194 -9.43 26.45 18.61
N GLU B 195 -10.12 25.72 19.49
CA GLU B 195 -9.69 25.62 20.88
C GLU B 195 -8.47 24.71 21.00
N LEU B 196 -8.50 23.55 20.33
CA LEU B 196 -7.35 22.65 20.38
C LEU B 196 -6.10 23.30 19.81
N GLY B 197 -6.24 24.37 19.04
CA GLY B 197 -5.08 25.06 18.48
C GLY B 197 -4.30 24.20 17.51
N GLY B 198 -4.98 23.32 16.78
CA GLY B 198 -4.30 22.42 15.87
C GLY B 198 -5.22 21.28 15.50
N THR B 199 -4.60 20.28 14.86
CA THR B 199 -5.32 19.09 14.41
C THR B 199 -5.33 17.97 15.44
N GLU B 200 -4.81 18.23 16.65
N GLU B 200 -4.85 18.24 16.66
CA GLU B 200 -4.68 17.19 17.66
CA GLU B 200 -4.68 17.20 17.66
C GLU B 200 -4.55 17.86 19.03
C GLU B 200 -4.52 17.84 19.03
N GLY B 201 -5.12 17.22 20.03
CA GLY B 201 -5.03 17.75 21.38
C GLY B 201 -6.08 17.16 22.29
N LEU B 202 -6.07 17.67 23.53
CA LEU B 202 -7.01 17.25 24.57
C LEU B 202 -8.18 18.22 24.61
N LEU B 203 -9.39 17.67 24.54
CA LEU B 203 -10.62 18.45 24.56
C LEU B 203 -11.39 18.19 25.86
N ILE B 204 -11.74 19.25 26.56
CA ILE B 204 -12.66 19.18 27.69
C ILE B 204 -14.00 19.64 27.17
N ALA B 205 -14.82 18.68 26.74
CA ALA B 205 -16.07 19.01 26.05
C ALA B 205 -16.98 19.88 26.90
N SER B 206 -17.29 19.42 28.13
CA SER B 206 -18.24 20.13 28.97
C SER B 206 -17.84 21.59 29.15
N LYS B 207 -16.58 21.85 29.47
CA LYS B 207 -16.14 23.22 29.66
C LYS B 207 -16.16 23.99 28.34
N VAL B 208 -15.80 23.31 27.24
CA VAL B 208 -15.78 23.99 25.94
C VAL B 208 -17.21 24.30 25.48
N ALA B 209 -18.15 23.39 25.73
CA ALA B 209 -19.54 23.63 25.34
C ALA B 209 -20.12 24.83 26.08
N ASP B 210 -19.88 24.92 27.39
CA ASP B 210 -20.36 26.06 28.15
C ASP B 210 -19.84 27.36 27.57
N ARG B 211 -18.56 27.39 27.21
CA ARG B 211 -17.90 28.63 26.81
C ARG B 211 -18.41 29.17 25.48
N VAL B 212 -18.91 28.29 24.60
CA VAL B 212 -19.34 28.70 23.27
C VAL B 212 -20.86 28.79 23.13
N GLY B 213 -21.61 28.43 24.16
CA GLY B 213 -23.06 28.49 24.05
C GLY B 213 -23.67 27.39 23.22
N ILE B 214 -23.02 26.24 23.15
CA ILE B 214 -23.56 25.06 22.48
C ILE B 214 -23.60 23.94 23.51
N THR B 215 -24.51 22.99 23.33
CA THR B 215 -24.63 21.91 24.29
C THR B 215 -23.48 20.92 24.14
N ARG B 216 -23.16 20.24 25.24
CA ARG B 216 -22.15 19.20 25.18
C ARG B 216 -22.60 18.05 24.28
N SER B 217 -23.90 17.79 24.23
CA SER B 217 -24.42 16.71 23.39
C SER B 217 -24.05 16.93 21.93
N VAL B 218 -24.09 18.18 21.46
CA VAL B 218 -23.76 18.45 20.07
C VAL B 218 -22.29 18.10 19.79
N ILE B 219 -21.39 18.53 20.67
CA ILE B 219 -19.97 18.21 20.49
C ILE B 219 -19.78 16.70 20.43
N VAL B 220 -20.40 15.97 21.35
CA VAL B 220 -20.19 14.53 21.42
C VAL B 220 -20.70 13.84 20.15
N ASN B 221 -21.87 14.23 19.66
CA ASN B 221 -22.42 13.58 18.47
C ASN B 221 -21.61 13.93 17.23
N ALA B 222 -21.13 15.17 17.14
CA ALA B 222 -20.33 15.56 15.99
C ALA B 222 -19.06 14.72 15.90
N LEU B 223 -18.35 14.58 17.01
CA LEU B 223 -17.16 13.74 17.01
C LEU B 223 -17.49 12.30 16.67
N ARG B 224 -18.62 11.80 17.18
CA ARG B 224 -19.02 10.43 16.88
C ARG B 224 -19.22 10.21 15.39
N LYS B 225 -19.73 11.21 14.68
CA LYS B 225 -19.90 11.07 13.24
C LYS B 225 -18.55 11.12 12.53
N LEU B 226 -17.64 11.97 13.00
CA LEU B 226 -16.31 12.01 12.40
C LEU B 226 -15.56 10.71 12.67
N GLU B 227 -15.73 10.13 13.86
CA GLU B 227 -15.11 8.83 14.14
C GLU B 227 -15.68 7.74 13.25
N SER B 228 -17.00 7.71 13.11
CA SER B 228 -17.64 6.68 12.29
C SER B 228 -17.13 6.73 10.85
N ALA B 229 -16.86 7.93 10.34
CA ALA B 229 -16.33 8.08 9.00
C ALA B 229 -14.83 7.83 8.93
N GLY B 230 -14.17 7.64 10.08
CA GLY B 230 -12.73 7.45 10.07
C GLY B 230 -11.94 8.72 9.87
N VAL B 231 -12.56 9.89 10.07
CA VAL B 231 -11.84 11.13 9.85
C VAL B 231 -10.96 11.49 11.04
N ILE B 232 -11.38 11.15 12.26
CA ILE B 232 -10.59 11.37 13.46
C ILE B 232 -10.50 10.06 14.23
N GLU B 233 -9.67 10.06 15.24
CA GLU B 233 -9.68 9.04 16.29
C GLU B 233 -9.98 9.76 17.60
N SER B 234 -10.74 9.10 18.47
CA SER B 234 -11.14 9.67 19.74
C SER B 234 -10.87 8.67 20.86
N ARG B 235 -10.58 9.20 22.04
CA ARG B 235 -10.29 8.36 23.21
C ARG B 235 -10.55 9.19 24.45
N SER B 236 -11.40 8.67 25.35
CA SER B 236 -11.59 9.31 26.64
C SER B 236 -10.39 9.04 27.53
N LEU B 237 -9.95 10.07 28.25
CA LEU B 237 -8.76 9.97 29.08
C LEU B 237 -9.09 9.94 30.57
N GLY B 238 -10.34 9.75 30.93
CA GLY B 238 -10.69 9.65 32.33
C GLY B 238 -12.13 10.04 32.57
N MET B 239 -12.38 10.58 33.76
CA MET B 239 -13.72 11.03 34.11
C MET B 239 -14.16 12.23 33.29
N LYS B 240 -13.22 13.03 32.82
CA LYS B 240 -13.45 14.13 31.90
C LYS B 240 -12.47 14.01 30.74
N GLY B 241 -12.68 14.82 29.72
CA GLY B 241 -11.67 14.97 28.68
C GLY B 241 -11.65 13.90 27.61
N THR B 242 -11.32 14.29 26.39
CA THR B 242 -11.27 13.39 25.26
C THR B 242 -10.08 13.75 24.38
N PHE B 243 -9.29 12.75 24.02
CA PHE B 243 -8.18 12.95 23.08
C PHE B 243 -8.71 12.87 21.65
N ILE B 244 -8.29 13.84 20.83
CA ILE B 244 -8.75 13.95 19.44
C ILE B 244 -7.54 14.02 18.54
N LYS B 245 -7.55 13.24 17.47
CA LYS B 245 -6.54 13.35 16.43
C LYS B 245 -7.22 13.20 15.08
N VAL B 246 -6.99 14.17 14.19
CA VAL B 246 -7.50 14.09 12.84
C VAL B 246 -6.63 13.13 12.04
N LYS B 247 -7.27 12.16 11.39
CA LYS B 247 -6.57 11.20 10.55
C LYS B 247 -6.53 11.63 9.09
N LYS B 248 -7.45 12.47 8.66
CA LYS B 248 -7.53 12.98 7.29
C LYS B 248 -7.08 14.43 7.32
N GLU B 249 -5.82 14.67 6.91
CA GLU B 249 -5.25 16.00 7.03
C GLU B 249 -6.08 17.04 6.28
N LYS B 250 -6.62 16.67 5.12
CA LYS B 250 -7.34 17.62 4.29
C LYS B 250 -8.75 17.92 4.81
N PHE B 251 -9.11 17.39 5.98
CA PHE B 251 -10.48 17.50 6.46
C PHE B 251 -10.86 18.93 6.77
N LEU B 252 -10.07 19.60 7.61
CA LEU B 252 -10.45 20.93 8.06
C LEU B 252 -10.54 21.92 6.90
N ASP B 253 -9.60 21.85 5.96
CA ASP B 253 -9.67 22.71 4.78
C ASP B 253 -10.97 22.49 4.02
N GLU B 254 -11.33 21.21 3.79
CA GLU B 254 -12.57 20.91 3.08
C GLU B 254 -13.79 21.34 3.88
N LEU B 255 -13.72 21.27 5.21
CA LEU B 255 -14.89 21.60 6.02
C LEU B 255 -15.28 23.06 5.84
N GLU B 256 -14.32 23.97 6.01
CA GLU B 256 -14.65 25.40 5.89
C GLU B 256 -15.07 25.74 4.46
N LYS B 257 -14.56 25.02 3.47
CA LYS B 257 -14.93 25.29 2.09
C LYS B 257 -16.37 24.91 1.79
N SER B 258 -16.96 23.98 2.54
CA SER B 258 -18.35 23.59 2.33
C SER B 258 -19.30 24.69 2.78
S SO4 C . -18.54 4.45 30.80
O1 SO4 C . -18.45 5.04 32.13
O2 SO4 C . -18.09 3.06 30.84
O3 SO4 C . -17.71 5.21 29.87
O4 SO4 C . -19.93 4.48 30.35
S SO4 D . 21.41 -11.24 -26.13
S SO4 D . 20.87 -11.36 -25.70
O1 SO4 D . 20.98 -12.29 -25.21
O1 SO4 D . 20.03 -11.59 -24.52
O2 SO4 D . 22.11 -11.85 -27.27
O2 SO4 D . 21.26 -12.65 -26.30
O3 SO4 D . 20.25 -10.50 -26.59
O3 SO4 D . 20.13 -10.57 -26.67
O4 SO4 D . 22.33 -10.34 -25.44
O4 SO4 D . 22.09 -10.65 -25.32
S SO4 E . -10.28 4.45 36.12
O1 SO4 E . -9.35 3.64 35.33
O2 SO4 E . -9.67 4.78 37.40
O3 SO4 E . -11.51 3.69 36.36
O4 SO4 E . -10.59 5.68 35.40
S SO4 F . -26.55 5.46 21.62
O1 SO4 F . -25.81 5.69 22.86
O2 SO4 F . -25.83 4.49 20.80
O3 SO4 F . -27.87 4.96 21.94
O4 SO4 F . -26.66 6.71 20.89
S SO4 G . -35.60 -4.55 24.31
O1 SO4 G . -34.51 -5.47 24.05
O2 SO4 G . -36.57 -5.18 25.20
O3 SO4 G . -36.27 -4.20 23.05
O4 SO4 G . -35.09 -3.34 24.94
S SO4 H . 23.45 -20.04 -30.62
O1 SO4 H . 23.99 -21.03 -31.55
O2 SO4 H . 23.84 -20.39 -29.26
O3 SO4 H . 23.98 -18.72 -30.95
O4 SO4 H . 21.99 -20.01 -30.73
C ACT I . -20.44 -0.35 27.63
O ACT I . -21.23 -1.04 28.30
OXT ACT I . -19.45 0.29 28.19
CH3 ACT I . -20.80 -0.03 26.22
S SO4 J . -31.81 1.82 21.26
O1 SO4 J . -30.59 1.02 21.13
O2 SO4 J . -32.95 0.93 21.42
O3 SO4 J . -31.99 2.63 20.06
O4 SO4 J . -31.69 2.69 22.43
S SO4 K . -16.41 16.12 29.64
O1 SO4 K . -17.09 15.84 30.90
O2 SO4 K . -15.50 15.02 29.31
O3 SO4 K . -15.65 17.37 29.75
O4 SO4 K . -17.39 16.23 28.58
S SO4 L . 40.51 20.64 -11.97
O1 SO4 L . 40.87 19.61 -11.01
O2 SO4 L . 40.99 20.27 -13.30
O3 SO4 L . 41.11 21.91 -11.57
O4 SO4 L . 39.06 20.80 -12.01
S SO4 M . 33.42 0.62 -16.83
O1 SO4 M . 34.14 -0.22 -15.87
O2 SO4 M . 33.01 -0.20 -17.97
O3 SO4 M . 34.30 1.69 -17.30
O4 SO4 M . 32.25 1.21 -16.21
S SO4 N . 15.51 26.92 -11.28
O1 SO4 N . 16.89 26.48 -11.07
O2 SO4 N . 14.60 25.77 -11.16
O3 SO4 N . 15.15 27.92 -10.28
O4 SO4 N . 15.37 27.49 -12.63
S SO4 O . 30.98 -7.44 -23.29
O1 SO4 O . 30.06 -8.57 -23.19
O2 SO4 O . 32.36 -7.92 -23.40
O3 SO4 O . 30.64 -6.65 -24.49
O4 SO4 O . 30.88 -6.60 -22.09
S SO4 P . 37.80 11.59 -15.79
O1 SO4 P . 39.20 11.20 -15.90
O2 SO4 P . 37.08 10.60 -14.98
O3 SO4 P . 37.19 11.63 -17.12
O4 SO4 P . 37.71 12.90 -15.17
S SO4 Q . 28.63 0.32 -29.90
O1 SO4 Q . 28.11 -0.67 -28.96
O2 SO4 Q . 30.01 -0.03 -30.25
O3 SO4 Q . 28.61 1.64 -29.29
O4 SO4 Q . 27.80 0.33 -31.10
S SO4 R . -25.40 19.00 28.23
O1 SO4 R . -24.92 18.54 29.53
O2 SO4 R . -25.35 17.91 27.26
O3 SO4 R . -24.55 20.11 27.79
O4 SO4 R . -26.77 19.47 28.35
S SO4 S . -12.66 22.15 37.40
O1 SO4 S . -13.10 21.00 38.18
O2 SO4 S . -11.29 22.52 37.78
O3 SO4 S . -12.70 21.81 35.98
O4 SO4 S . -13.55 23.29 37.64
S SO4 T . 31.79 -1.65 -21.97
O1 SO4 T . 31.35 -2.96 -21.47
O2 SO4 T . 32.60 -1.83 -23.17
O3 SO4 T . 32.58 -0.97 -20.95
O4 SO4 T . 30.62 -0.84 -22.29
S SO4 U . 4.94 13.29 -8.75
O1 SO4 U . 5.76 12.36 -7.96
O2 SO4 U . 4.86 12.88 -10.17
O3 SO4 U . 3.57 13.29 -8.20
O4 SO4 U . 5.54 14.63 -8.64
#